data_5NF4
#
_entry.id   5NF4
#
_cell.length_a   80.183
_cell.length_b   80.183
_cell.length_c   116.022
_cell.angle_alpha   90.000
_cell.angle_beta   90.000
_cell.angle_gamma   120.000
#
_symmetry.space_group_name_H-M   'P 32'
#
loop_
_entity.id
_entity.type
_entity.pdbx_description
1 polymer 'Minor fimbrium tip subunit Mfa3'
2 non-polymer 'FORMIC ACID'
3 non-polymer 'SULFATE ION'
4 water water
#
_entity_poly.entity_id   1
_entity_poly.type   'polypeptide(L)'
_entity_poly.pdbx_seq_one_letter_code
;MKHHHHHHPMSDYDIPTTENLYFQGAMRGVDPQPDPLQPDVYLLVNARAAHTNGEESINMDAEDFEDRVHSLAMLVFDSN
TGEKVAEHFSSSIGSGTSTYVFTVKLKPGQRDFFFVANIPNMQTAMASIVNKSDMNHFMQVFRDLDPIHYHNATNNNGFP
MSRMYSNQTVTIGGTITQPLPFKPDGENNVKLQRVVAKLDVNIVEGVENLQKIELCNANVHYRLVPNQSEPIQFYGPVEL
RRVGATNQWLGYMPEAIVESTKWWGNTGNAENKPINFFRLTTRGGLVYDVPIITHEGAIPGGQYLPFAKGLLADKPSYTV
YRNRHYIYRIKTLPDKIEVKYSICDWNIVTNDTYMGYGYNVGVDEQGNVTITNTMQNCDPHVVRLVAKNGAYFGSQPTDT
SVEFTELANGASQTFKVNKDAVAVGSAYLEVYYNPDLNATGVVPDKVFIKK
;
_entity_poly.pdbx_strand_id   A,B
#
# COMPACT_ATOMS: atom_id res chain seq x y z
N PRO A 39 33.55 -3.65 23.41
CA PRO A 39 33.33 -5.06 23.77
C PRO A 39 31.99 -5.50 23.18
N ASP A 40 31.94 -6.64 22.49
CA ASP A 40 30.76 -6.96 21.68
C ASP A 40 29.76 -7.90 22.34
N VAL A 41 28.65 -8.05 21.63
CA VAL A 41 27.62 -9.02 21.95
C VAL A 41 27.32 -9.83 20.69
N TYR A 42 27.26 -11.15 20.83
CA TYR A 42 26.71 -12.02 19.79
C TYR A 42 25.41 -12.57 20.31
N LEU A 43 24.34 -12.29 19.57
CA LEU A 43 22.97 -12.65 19.92
C LEU A 43 22.46 -13.69 18.97
N LEU A 44 21.83 -14.72 19.50
CA LEU A 44 21.09 -15.71 18.74
C LEU A 44 19.62 -15.33 18.72
N VAL A 45 19.12 -15.00 17.53
CA VAL A 45 17.75 -14.53 17.37
C VAL A 45 16.97 -15.72 16.83
N ASN A 46 15.89 -16.09 17.53
CA ASN A 46 14.95 -17.09 17.03
C ASN A 46 13.57 -16.47 16.89
N ALA A 47 13.06 -16.46 15.66
CA ALA A 47 11.83 -15.76 15.30
C ALA A 47 10.86 -16.69 14.60
N ARG A 48 9.58 -16.46 14.80
CA ARG A 48 8.59 -17.35 14.26
C ARG A 48 7.24 -16.64 14.30
N ALA A 49 6.32 -17.06 13.46
CA ALA A 49 5.00 -16.47 13.54
C ALA A 49 4.32 -16.93 14.83
N ALA A 50 3.61 -16.01 15.48
CA ALA A 50 2.86 -16.33 16.70
C ALA A 50 1.65 -17.21 16.39
N ASP A 64 -0.71 -24.33 5.68
CA ASP A 64 0.19 -23.53 6.49
C ASP A 64 0.66 -22.28 5.77
N PHE A 65 0.01 -21.91 4.66
CA PHE A 65 0.34 -20.64 4.01
C PHE A 65 0.20 -19.47 4.99
N GLU A 66 -0.73 -19.59 5.94
CA GLU A 66 -0.99 -18.52 6.93
C GLU A 66 0.21 -18.28 7.84
N ASP A 67 1.07 -19.28 7.95
CA ASP A 67 2.17 -19.25 8.90
C ASP A 67 3.53 -18.97 8.28
N ARG A 68 3.59 -18.87 6.96
CA ARG A 68 4.87 -18.83 6.28
C ARG A 68 5.49 -17.46 6.40
N VAL A 69 6.79 -17.46 6.73
CA VAL A 69 7.55 -16.25 6.77
C VAL A 69 8.58 -16.34 5.66
N HIS A 70 8.33 -15.62 4.57
CA HIS A 70 9.14 -15.63 3.35
C HIS A 70 10.35 -14.73 3.42
N SER A 71 10.19 -13.61 4.12
CA SER A 71 11.29 -12.70 4.38
C SER A 71 11.11 -12.10 5.75
N LEU A 72 12.23 -11.73 6.37
CA LEU A 72 12.22 -11.14 7.69
C LEU A 72 13.33 -10.13 7.83
N ALA A 73 12.98 -8.88 8.10
CA ALA A 73 13.96 -7.83 8.39
C ALA A 73 13.97 -7.56 9.87
N MET A 74 15.18 -7.43 10.42
CA MET A 74 15.34 -7.02 11.79
C MET A 74 16.16 -5.74 11.75
N LEU A 75 15.69 -4.73 12.45
CA LEU A 75 16.42 -3.46 12.57
C LEU A 75 16.48 -3.09 14.05
N VAL A 76 17.68 -2.73 14.50
CA VAL A 76 17.96 -2.51 15.92
C VAL A 76 18.53 -1.12 16.10
N PHE A 77 17.97 -0.39 17.06
CA PHE A 77 18.36 0.99 17.30
C PHE A 77 18.69 1.26 18.75
N ASP A 78 19.58 2.20 18.99
CA ASP A 78 19.84 2.62 20.37
C ASP A 78 18.58 3.27 20.92
N SER A 79 18.09 2.83 22.08
CA SER A 79 16.81 3.31 22.61
C SER A 79 16.82 4.80 22.90
N ASN A 80 17.99 5.34 23.21
CA ASN A 80 18.12 6.74 23.62
C ASN A 80 18.54 7.65 22.49
N THR A 81 19.54 7.25 21.72
CA THR A 81 20.07 8.13 20.67
C THR A 81 19.30 7.93 19.35
N GLY A 82 18.69 6.76 19.19
CA GLY A 82 17.99 6.44 17.95
C GLY A 82 18.89 5.95 16.82
N GLU A 83 20.18 5.84 17.10
CA GLU A 83 21.14 5.36 16.12
C GLU A 83 20.84 3.91 15.71
N LYS A 84 20.94 3.60 14.43
CA LYS A 84 20.87 2.20 13.99
C LYS A 84 22.11 1.48 14.43
N VAL A 85 21.95 0.40 15.19
CA VAL A 85 23.13 -0.33 15.69
C VAL A 85 23.26 -1.77 15.17
N ALA A 86 22.26 -2.26 14.44
CA ALA A 86 22.38 -3.58 13.79
C ALA A 86 21.20 -3.75 12.87
N GLU A 87 21.35 -4.58 11.85
CA GLU A 87 20.21 -4.96 11.04
C GLU A 87 20.53 -6.27 10.36
N HIS A 88 19.48 -6.98 9.97
CA HIS A 88 19.63 -8.29 9.39
C HIS A 88 18.47 -8.58 8.46
N PHE A 89 18.75 -9.26 7.37
CA PHE A 89 17.65 -9.64 6.47
C PHE A 89 17.72 -11.15 6.18
N SER A 90 16.57 -11.81 6.30
CA SER A 90 16.49 -13.26 6.01
C SER A 90 15.46 -13.48 4.93
N SER A 91 15.69 -14.49 4.10
CA SER A 91 14.69 -14.90 3.14
C SER A 91 14.77 -16.40 2.94
N SER A 92 13.65 -16.99 2.54
CA SER A 92 13.60 -18.40 2.26
C SER A 92 13.33 -18.51 0.78
N ILE A 93 14.26 -19.13 0.09
CA ILE A 93 14.14 -19.36 -1.34
C ILE A 93 12.87 -20.18 -1.55
N GLY A 94 12.58 -21.03 -0.58
CA GLY A 94 11.38 -21.83 -0.57
C GLY A 94 11.64 -23.08 0.24
N SER A 95 10.66 -23.97 0.31
CA SER A 95 9.33 -23.74 -0.23
C SER A 95 8.62 -22.70 0.64
N GLY A 96 8.94 -22.72 1.93
CA GLY A 96 8.40 -21.77 2.87
C GLY A 96 8.61 -22.21 4.30
N THR A 97 9.43 -21.48 5.05
CA THR A 97 9.65 -21.76 6.47
C THR A 97 8.77 -20.88 7.33
N SER A 98 8.61 -21.25 8.60
CA SER A 98 7.84 -20.41 9.53
C SER A 98 8.74 -19.84 10.62
N THR A 99 10.01 -20.21 10.57
CA THR A 99 10.96 -19.80 11.60
C THR A 99 12.33 -19.46 11.02
N TYR A 100 13.00 -18.49 11.64
CA TYR A 100 14.36 -18.09 11.30
C TYR A 100 15.20 -18.11 12.55
N VAL A 101 16.39 -18.70 12.46
CA VAL A 101 17.33 -18.59 13.53
C VAL A 101 18.65 -18.09 12.93
N PHE A 102 19.21 -17.04 13.53
CA PHE A 102 20.45 -16.46 13.02
C PHE A 102 21.21 -15.72 14.12
N THR A 103 22.50 -15.53 13.91
CA THR A 103 23.35 -14.81 14.86
C THR A 103 23.66 -13.39 14.38
N VAL A 104 23.59 -12.41 15.27
CA VAL A 104 23.92 -11.02 14.95
C VAL A 104 24.98 -10.51 15.96
N LYS A 105 25.89 -9.67 15.48
CA LYS A 105 26.90 -9.03 16.34
C LYS A 105 26.53 -7.56 16.52
N LEU A 106 26.59 -7.04 17.74
CA LEU A 106 26.32 -5.62 17.96
C LEU A 106 26.93 -5.14 19.25
N LYS A 107 26.90 -3.84 19.49
CA LYS A 107 27.38 -3.29 20.74
C LYS A 107 26.29 -3.37 21.81
N PRO A 108 26.69 -3.60 23.06
CA PRO A 108 25.72 -3.65 24.16
C PRO A 108 25.07 -2.32 24.47
N GLY A 109 23.95 -2.37 25.17
CA GLY A 109 23.28 -1.18 25.64
C GLY A 109 21.78 -1.37 25.65
N GLN A 110 21.03 -0.28 25.57
CA GLN A 110 19.57 -0.32 25.53
C GLN A 110 19.16 -0.27 24.08
N ARG A 111 18.40 -1.27 23.65
CA ARG A 111 18.08 -1.39 22.22
C ARG A 111 16.61 -1.61 21.97
N ASP A 112 16.14 -0.95 20.91
CA ASP A 112 14.81 -1.18 20.37
C ASP A 112 14.91 -2.08 19.12
N PHE A 113 14.20 -3.22 19.13
CA PHE A 113 14.27 -4.22 18.06
C PHE A 113 12.98 -4.13 17.24
N PHE A 114 13.11 -4.09 15.93
CA PHE A 114 11.95 -4.07 15.03
C PHE A 114 12.06 -5.25 14.10
N PHE A 115 10.96 -6.00 13.97
CA PHE A 115 10.90 -7.15 13.10
C PHE A 115 9.73 -6.95 12.13
N VAL A 116 10.03 -7.09 10.84
CA VAL A 116 9.04 -6.90 9.77
C VAL A 116 9.15 -8.08 8.80
N ALA A 117 8.03 -8.78 8.56
CA ALA A 117 8.05 -9.96 7.72
C ALA A 117 7.11 -9.81 6.55
N ASN A 118 7.51 -10.41 5.42
CA ASN A 118 6.68 -10.50 4.22
C ASN A 118 6.26 -9.15 3.65
N ILE A 119 7.10 -8.15 3.82
CA ILE A 119 6.89 -6.86 3.19
C ILE A 119 7.65 -6.80 1.86
N PRO A 120 6.95 -6.50 0.75
CA PRO A 120 7.64 -6.43 -0.54
C PRO A 120 8.83 -5.48 -0.55
N ASN A 121 9.96 -6.00 -1.03
CA ASN A 121 11.23 -5.28 -1.11
C ASN A 121 11.64 -4.57 0.16
N MET A 122 11.35 -5.21 1.30
CA MET A 122 11.79 -4.71 2.58
C MET A 122 13.31 -4.54 2.63
N GLN A 123 14.06 -5.35 1.90
CA GLN A 123 15.52 -5.24 1.96
C GLN A 123 15.99 -3.88 1.46
N THR A 124 15.40 -3.44 0.35
CA THR A 124 15.67 -2.13 -0.21
C THR A 124 15.20 -1.02 0.76
N ALA A 125 14.05 -1.25 1.40
CA ALA A 125 13.47 -0.27 2.35
C ALA A 125 14.41 0.00 3.53
N MET A 126 15.18 -1.01 3.93
CA MET A 126 16.03 -0.87 5.08
C MET A 126 17.04 0.27 4.89
N ALA A 127 17.46 0.49 3.65
CA ALA A 127 18.47 1.53 3.41
C ALA A 127 17.90 2.93 3.62
N SER A 128 16.58 3.10 3.49
CA SER A 128 15.98 4.41 3.72
C SER A 128 15.50 4.58 5.14
N ILE A 129 15.76 3.61 6.02
CA ILE A 129 15.45 3.71 7.44
C ILE A 129 16.78 3.98 8.15
N VAL A 130 17.10 5.25 8.32
CA VAL A 130 18.43 5.59 8.81
C VAL A 130 18.52 5.50 10.32
N ASN A 131 17.45 5.94 10.99
CA ASN A 131 17.44 6.04 12.42
C ASN A 131 16.09 5.60 12.96
N LYS A 132 15.96 5.63 14.28
CA LYS A 132 14.77 5.12 14.92
C LYS A 132 13.52 5.93 14.55
N SER A 133 13.70 7.24 14.31
CA SER A 133 12.58 8.09 13.90
C SER A 133 12.01 7.60 12.56
N ASP A 134 12.91 7.32 11.60
CA ASP A 134 12.51 6.76 10.32
C ASP A 134 11.82 5.42 10.52
N MET A 135 12.36 4.63 11.42
CA MET A 135 11.85 3.29 11.65
C MET A 135 10.41 3.33 12.16
N ASN A 136 10.17 4.19 13.15
CA ASN A 136 8.81 4.36 13.63
C ASN A 136 7.84 4.93 12.56
N HIS A 137 8.30 5.88 11.75
CA HIS A 137 7.46 6.35 10.64
C HIS A 137 7.10 5.19 9.72
N PHE A 138 8.08 4.34 9.40
CA PHE A 138 7.87 3.21 8.52
C PHE A 138 6.83 2.26 9.11
N MET A 139 6.97 1.96 10.39
CA MET A 139 6.00 1.09 11.06
C MET A 139 4.55 1.64 11.04
N GLN A 140 4.41 2.96 10.99
CA GLN A 140 3.12 3.63 11.13
C GLN A 140 2.45 3.84 9.77
N VAL A 141 3.15 3.55 8.68
CA VAL A 141 2.55 3.75 7.34
C VAL A 141 1.28 2.93 7.16
N PHE A 142 0.24 3.55 6.57
CA PHE A 142 -0.96 2.82 6.16
C PHE A 142 -0.67 2.18 4.79
N ARG A 143 -0.74 0.86 4.73
CA ARG A 143 -0.35 0.10 3.54
C ARG A 143 -1.56 -0.64 3.00
N ASP A 144 -1.77 -0.59 1.70
CA ASP A 144 -2.96 -1.23 1.18
C ASP A 144 -2.75 -2.73 1.11
N LEU A 145 -3.65 -3.49 1.73
CA LEU A 145 -3.53 -4.95 1.74
C LEU A 145 -3.60 -5.50 0.33
N ASP A 146 -2.67 -6.37 -0.01
CA ASP A 146 -2.77 -7.12 -1.28
C ASP A 146 -4.18 -7.74 -1.44
N PRO A 147 -4.85 -7.50 -2.59
CA PRO A 147 -6.21 -8.07 -2.81
C PRO A 147 -6.36 -9.57 -2.48
N ILE A 148 -5.33 -10.35 -2.77
CA ILE A 148 -5.44 -11.79 -2.54
C ILE A 148 -5.50 -12.10 -1.02
N HIS A 149 -4.96 -11.21 -0.19
CA HIS A 149 -4.90 -11.50 1.24
C HIS A 149 -6.22 -11.37 1.98
N TYR A 150 -7.27 -10.83 1.36
CA TYR A 150 -8.58 -10.94 1.97
C TYR A 150 -9.15 -12.36 1.83
N HIS A 151 -8.53 -13.15 0.95
CA HIS A 151 -8.95 -14.51 0.71
C HIS A 151 -8.03 -15.57 1.29
N ASN A 152 -6.72 -15.37 1.11
CA ASN A 152 -5.75 -16.35 1.59
C ASN A 152 -4.34 -15.86 1.37
N ALA A 153 -3.42 -16.40 2.15
CA ALA A 153 -2.02 -16.32 1.84
C ALA A 153 -1.76 -17.39 0.80
N THR A 154 -0.67 -17.26 0.06
CA THR A 154 -0.37 -18.22 -0.99
C THR A 154 0.99 -18.80 -0.74
N ASN A 155 1.40 -19.70 -1.61
CA ASN A 155 2.69 -20.36 -1.44
C ASN A 155 3.85 -19.36 -1.45
N ASN A 156 3.73 -18.28 -2.24
CA ASN A 156 4.82 -17.30 -2.37
C ASN A 156 4.49 -15.89 -1.86
N ASN A 157 3.29 -15.72 -1.31
CA ASN A 157 2.89 -14.39 -0.84
C ASN A 157 2.24 -14.48 0.53
N GLY A 158 3.04 -14.32 1.58
CA GLY A 158 2.54 -14.46 2.93
C GLY A 158 1.95 -13.19 3.46
N PHE A 159 1.23 -13.30 4.57
CA PHE A 159 0.67 -12.14 5.27
C PHE A 159 1.77 -11.27 5.85
N PRO A 160 1.67 -9.94 5.73
CA PRO A 160 2.59 -9.11 6.52
C PRO A 160 2.51 -9.39 7.99
N MET A 161 3.67 -9.39 8.66
CA MET A 161 3.74 -9.62 10.11
C MET A 161 4.78 -8.68 10.71
N SER A 162 4.62 -8.39 11.99
CA SER A 162 5.64 -7.60 12.66
C SER A 162 5.68 -7.83 14.14
N ARG A 163 6.75 -7.34 14.75
CA ARG A 163 6.79 -7.27 16.19
C ARG A 163 7.86 -6.26 16.55
N MET A 164 7.64 -5.52 17.62
CA MET A 164 8.69 -4.65 18.13
C MET A 164 8.82 -4.77 19.64
N TYR A 165 10.08 -4.65 20.10
CA TYR A 165 10.41 -4.72 21.51
C TYR A 165 11.26 -3.51 21.85
N SER A 166 10.80 -2.69 22.78
CA SER A 166 11.48 -1.48 23.15
C SER A 166 12.31 -1.60 24.43
N ASN A 167 13.32 -0.74 24.52
CA ASN A 167 14.17 -0.65 25.68
C ASN A 167 14.63 -2.01 26.23
N GLN A 168 15.21 -2.84 25.36
CA GLN A 168 15.74 -4.12 25.77
C GLN A 168 17.16 -3.97 26.24
N THR A 169 17.48 -4.61 27.35
CA THR A 169 18.81 -4.52 27.87
C THR A 169 19.63 -5.62 27.24
N VAL A 170 20.62 -5.20 26.45
CA VAL A 170 21.53 -6.14 25.80
C VAL A 170 22.87 -6.12 26.51
N THR A 171 23.22 -7.25 27.13
CA THR A 171 24.43 -7.34 27.93
C THR A 171 25.57 -7.93 27.13
N ILE A 172 26.76 -7.75 27.66
CA ILE A 172 27.99 -8.17 27.01
C ILE A 172 28.18 -9.68 27.05
N GLY A 173 28.60 -10.23 25.92
CA GLY A 173 29.07 -11.61 25.89
C GLY A 173 28.70 -12.36 24.62
N GLY A 174 28.88 -13.67 24.68
CA GLY A 174 28.61 -14.53 23.55
C GLY A 174 29.80 -14.57 22.62
N THR A 175 29.85 -15.58 21.75
CA THR A 175 30.84 -15.66 20.70
C THR A 175 30.12 -15.95 19.40
N ILE A 176 30.82 -15.89 18.27
CA ILE A 176 30.13 -16.06 16.99
C ILE A 176 29.57 -17.49 16.89
N THR A 177 30.25 -18.45 17.53
CA THR A 177 29.83 -19.84 17.52
C THR A 177 28.99 -20.22 18.75
N GLN A 178 29.11 -19.43 19.81
CA GLN A 178 28.33 -19.63 21.03
C GLN A 178 27.65 -18.32 21.47
N PRO A 179 26.65 -17.87 20.70
CA PRO A 179 26.01 -16.59 21.00
C PRO A 179 25.07 -16.64 22.20
N LEU A 180 24.77 -15.49 22.76
CA LEU A 180 23.77 -15.39 23.82
C LEU A 180 22.36 -15.40 23.20
N PRO A 181 21.45 -16.26 23.71
CA PRO A 181 20.09 -16.22 23.19
C PRO A 181 19.41 -14.90 23.47
N PHE A 182 18.85 -14.31 22.43
CA PHE A 182 18.04 -13.11 22.58
C PHE A 182 16.71 -13.47 23.23
N LYS A 183 16.42 -12.86 24.38
CA LYS A 183 15.19 -13.12 25.09
C LYS A 183 14.33 -11.85 25.14
N PRO A 184 13.53 -11.58 24.08
CA PRO A 184 12.71 -10.37 24.04
C PRO A 184 11.70 -10.38 25.18
N ASP A 185 11.70 -9.30 25.97
CA ASP A 185 10.86 -9.20 27.17
C ASP A 185 10.79 -10.50 27.97
N GLY A 186 11.95 -11.17 28.08
CA GLY A 186 12.07 -12.40 28.84
C GLY A 186 11.54 -13.68 28.20
N GLU A 187 10.98 -13.57 27.00
CA GLU A 187 10.47 -14.72 26.25
C GLU A 187 11.60 -15.39 25.47
N ASN A 188 11.40 -16.65 25.08
CA ASN A 188 12.44 -17.41 24.38
C ASN A 188 12.54 -17.12 22.89
N ASN A 189 11.44 -16.63 22.33
CA ASN A 189 11.32 -16.46 20.89
C ASN A 189 10.78 -15.10 20.57
N VAL A 190 11.19 -14.58 19.42
CA VAL A 190 10.50 -13.48 18.78
C VAL A 190 9.24 -14.06 18.14
N LYS A 191 8.09 -13.47 18.45
CA LYS A 191 6.80 -13.99 18.00
C LYS A 191 6.15 -12.92 17.15
N LEU A 192 6.11 -13.17 15.86
CA LEU A 192 5.61 -12.19 14.92
C LEU A 192 4.10 -12.20 14.94
N GLN A 193 3.50 -11.02 14.84
CA GLN A 193 2.04 -10.91 14.79
C GLN A 193 1.60 -10.56 13.40
N ARG A 194 0.65 -11.32 12.86
CA ARG A 194 0.06 -10.96 11.57
C ARG A 194 -0.68 -9.64 11.69
N VAL A 195 -0.76 -8.89 10.58
CA VAL A 195 -1.44 -7.59 10.55
C VAL A 195 -2.93 -7.75 10.27
N VAL A 196 -3.36 -8.99 9.96
CA VAL A 196 -4.76 -9.28 9.66
C VAL A 196 -5.36 -10.15 10.76
N ALA A 197 -6.69 -10.15 10.81
CA ALA A 197 -7.50 -11.08 11.59
C ALA A 197 -8.04 -12.17 10.66
N LYS A 198 -8.43 -13.31 11.22
CA LYS A 198 -9.01 -14.42 10.46
C LYS A 198 -10.48 -14.53 10.78
N LEU A 199 -11.30 -14.54 9.73
CA LEU A 199 -12.73 -14.69 9.88
C LEU A 199 -13.08 -16.09 9.44
N ASP A 200 -13.77 -16.82 10.32
CA ASP A 200 -13.95 -18.24 10.23
C ASP A 200 -15.44 -18.56 10.40
N VAL A 201 -16.16 -18.78 9.31
CA VAL A 201 -17.61 -18.99 9.36
C VAL A 201 -17.98 -20.44 9.01
N ASN A 202 -18.64 -21.08 9.97
CA ASN A 202 -18.96 -22.48 9.88
C ASN A 202 -20.46 -22.73 9.91
N ILE A 203 -20.98 -23.36 8.86
CA ILE A 203 -22.40 -23.66 8.77
C ILE A 203 -22.64 -25.05 9.33
N VAL A 204 -23.02 -25.08 10.60
CA VAL A 204 -23.24 -26.35 11.28
C VAL A 204 -24.53 -27.07 10.82
N GLU A 205 -25.48 -26.28 10.31
CA GLU A 205 -26.74 -26.82 9.85
C GLU A 205 -27.35 -25.90 8.79
N GLY A 206 -27.97 -26.49 7.78
CA GLY A 206 -28.69 -25.76 6.74
C GLY A 206 -27.84 -25.16 5.63
N VAL A 207 -26.66 -25.73 5.39
CA VAL A 207 -25.77 -25.22 4.35
C VAL A 207 -26.42 -25.36 2.95
N GLU A 208 -27.41 -26.22 2.84
CA GLU A 208 -28.18 -26.36 1.59
C GLU A 208 -28.90 -25.06 1.18
N ASN A 209 -29.11 -24.17 2.15
CA ASN A 209 -29.87 -22.95 1.93
C ASN A 209 -28.98 -21.79 1.57
N LEU A 210 -27.67 -22.01 1.59
CA LEU A 210 -26.71 -20.92 1.50
C LEU A 210 -26.30 -20.66 0.07
N GLN A 211 -26.37 -19.39 -0.35
CA GLN A 211 -25.93 -19.03 -1.69
C GLN A 211 -24.53 -18.42 -1.62
N LYS A 212 -24.32 -17.52 -0.67
CA LYS A 212 -22.98 -16.97 -0.49
C LYS A 212 -22.81 -16.19 0.78
N ILE A 213 -21.53 -15.93 1.07
CA ILE A 213 -21.10 -15.21 2.24
C ILE A 213 -20.10 -14.15 1.81
N GLU A 214 -20.31 -12.93 2.27
CA GLU A 214 -19.44 -11.80 1.94
C GLU A 214 -19.01 -11.06 3.19
N LEU A 215 -17.73 -10.70 3.23
CA LEU A 215 -17.21 -9.77 4.23
C LEU A 215 -17.28 -8.34 3.72
N CYS A 216 -17.94 -7.48 4.49
CA CYS A 216 -18.20 -6.11 4.11
C CYS A 216 -17.53 -5.10 5.06
N ASN A 217 -17.17 -3.94 4.49
CA ASN A 217 -16.54 -2.81 5.19
C ASN A 217 -15.15 -3.12 5.72
N ALA A 218 -14.47 -4.09 5.12
CA ALA A 218 -13.10 -4.36 5.55
C ALA A 218 -12.21 -3.13 5.32
N ASN A 219 -11.26 -2.94 6.22
CA ASN A 219 -10.27 -1.88 6.07
C ASN A 219 -9.41 -2.12 4.85
N VAL A 220 -9.14 -1.06 4.08
CA VAL A 220 -8.25 -1.15 2.93
C VAL A 220 -6.80 -1.37 3.39
N HIS A 221 -6.49 -0.75 4.50
CA HIS A 221 -5.11 -0.66 4.97
C HIS A 221 -4.77 -1.49 6.18
N TYR A 222 -3.54 -2.00 6.13
CA TYR A 222 -2.90 -2.52 7.30
C TYR A 222 -1.80 -1.57 7.77
N ARG A 223 -1.36 -1.84 8.99
CA ARG A 223 -0.30 -1.06 9.61
C ARG A 223 0.58 -1.98 10.40
N LEU A 224 1.88 -1.72 10.40
CA LEU A 224 2.82 -2.64 11.06
C LEU A 224 2.91 -2.45 12.57
N VAL A 225 2.29 -1.39 13.07
CA VAL A 225 2.05 -1.27 14.51
C VAL A 225 0.59 -0.99 14.71
N PRO A 226 0.08 -1.30 15.89
CA PRO A 226 -1.37 -1.12 16.10
C PRO A 226 -1.92 0.27 15.76
N ASN A 227 -3.14 0.25 15.22
CA ASN A 227 -3.90 1.42 14.88
C ASN A 227 -4.45 2.10 16.12
N GLN A 228 -4.43 3.44 16.12
CA GLN A 228 -5.08 4.22 17.17
C GLN A 228 -6.32 4.98 16.66
N SER A 229 -6.59 4.88 15.36
CA SER A 229 -7.67 5.64 14.69
C SER A 229 -8.47 4.70 13.84
N GLU A 230 -9.72 5.09 13.58
CA GLU A 230 -10.55 4.36 12.65
C GLU A 230 -9.99 4.37 11.23
N PRO A 231 -10.39 3.38 10.41
CA PRO A 231 -9.96 3.34 9.03
C PRO A 231 -10.38 4.63 8.31
N ILE A 232 -9.62 4.99 7.29
CA ILE A 232 -9.97 6.09 6.40
C ILE A 232 -10.60 5.60 5.10
N GLN A 233 -10.21 4.41 4.67
CA GLN A 233 -10.69 3.82 3.42
C GLN A 233 -11.07 2.35 3.53
N PHE A 234 -12.04 1.93 2.71
CA PHE A 234 -12.68 0.59 2.87
C PHE A 234 -12.68 -0.18 1.58
N TYR A 235 -12.43 -1.49 1.71
CA TYR A 235 -12.40 -2.42 0.60
C TYR A 235 -13.83 -2.79 0.21
N GLY A 236 -13.99 -3.18 -1.04
CA GLY A 236 -15.29 -3.64 -1.54
C GLY A 236 -15.61 -4.99 -0.91
N PRO A 237 -16.77 -5.52 -1.25
CA PRO A 237 -17.21 -6.78 -0.66
C PRO A 237 -16.32 -7.95 -1.08
N VAL A 238 -15.98 -8.78 -0.10
CA VAL A 238 -15.15 -9.95 -0.29
C VAL A 238 -15.96 -11.23 -0.15
N GLU A 239 -16.18 -11.99 -1.23
CA GLU A 239 -16.88 -13.24 -1.14
C GLU A 239 -15.93 -14.22 -0.45
N LEU A 240 -16.35 -14.79 0.67
CA LEU A 240 -15.49 -15.74 1.41
C LEU A 240 -15.20 -17.02 0.64
N ARG A 241 -14.11 -17.68 0.97
CA ARG A 241 -13.69 -18.85 0.25
C ARG A 241 -14.02 -20.10 1.04
N ARG A 242 -14.72 -21.00 0.38
CA ARG A 242 -15.07 -22.26 0.97
C ARG A 242 -13.85 -23.15 1.06
N VAL A 243 -13.63 -23.72 2.23
CA VAL A 243 -12.57 -24.70 2.41
C VAL A 243 -13.02 -26.01 1.81
N GLY A 244 -12.60 -26.22 0.55
CA GLY A 244 -12.92 -27.43 -0.19
C GLY A 244 -14.41 -27.68 -0.27
N ALA A 245 -14.82 -28.85 0.19
CA ALA A 245 -16.22 -29.25 0.21
C ALA A 245 -16.77 -29.29 1.65
N THR A 246 -16.06 -28.67 2.59
CA THR A 246 -16.52 -28.65 3.98
C THR A 246 -17.53 -27.53 4.14
N ASN A 247 -18.02 -27.32 5.36
CA ASN A 247 -19.00 -26.28 5.63
C ASN A 247 -18.35 -25.08 6.33
N GLN A 248 -17.07 -24.91 6.05
CA GLN A 248 -16.28 -23.83 6.57
C GLN A 248 -15.91 -22.83 5.45
N TRP A 249 -16.17 -21.55 5.71
CA TRP A 249 -15.77 -20.43 4.85
C TRP A 249 -14.76 -19.50 5.53
N LEU A 250 -13.75 -19.06 4.80
CA LEU A 250 -12.70 -18.22 5.41
C LEU A 250 -12.49 -16.92 4.66
N GLY A 251 -12.11 -15.91 5.43
CA GLY A 251 -11.53 -14.69 4.90
C GLY A 251 -10.60 -14.04 5.91
N TYR A 252 -9.97 -12.95 5.48
CA TYR A 252 -9.06 -12.21 6.36
C TYR A 252 -9.26 -10.73 6.14
N MET A 253 -8.94 -9.93 7.16
CA MET A 253 -9.02 -8.51 7.00
C MET A 253 -8.07 -7.78 7.93
N PRO A 254 -7.66 -6.58 7.52
CA PRO A 254 -6.78 -5.86 8.44
C PRO A 254 -7.47 -5.44 9.73
N GLU A 255 -6.68 -5.25 10.76
CA GLU A 255 -7.15 -4.59 11.97
C GLU A 255 -7.97 -3.36 11.62
N ALA A 256 -9.06 -3.17 12.35
CA ALA A 256 -9.93 -2.04 12.15
C ALA A 256 -10.44 -1.54 13.47
N ILE A 257 -10.02 -0.34 13.84
CA ILE A 257 -10.51 0.31 15.05
C ILE A 257 -11.87 0.92 14.83
N VAL A 258 -12.80 0.66 15.75
CA VAL A 258 -14.10 1.34 15.75
C VAL A 258 -14.30 2.07 17.07
N GLU A 259 -14.57 3.37 17.01
CA GLU A 259 -14.78 4.16 18.22
C GLU A 259 -15.90 3.56 19.05
N SER A 260 -15.74 3.56 20.36
CA SER A 260 -16.69 2.88 21.22
C SER A 260 -17.91 3.74 21.54
N THR A 261 -17.98 4.91 20.91
CA THR A 261 -19.16 5.75 20.95
C THR A 261 -20.17 5.36 19.85
N LYS A 262 -19.75 4.50 18.94
CA LYS A 262 -20.58 4.01 17.82
C LYS A 262 -21.15 2.61 18.07
N TRP A 263 -22.25 2.27 17.38
CA TRP A 263 -22.68 0.90 17.35
C TRP A 263 -23.49 0.67 16.08
N TRP A 264 -23.86 -0.58 15.82
CA TRP A 264 -24.55 -0.98 14.62
C TRP A 264 -25.80 -0.13 14.45
N GLY A 265 -25.94 0.52 13.31
CA GLY A 265 -27.09 1.35 13.09
C GLY A 265 -26.90 2.75 13.65
N ASN A 266 -25.74 3.00 14.25
CA ASN A 266 -25.43 4.32 14.85
C ASN A 266 -23.96 4.64 14.65
N THR A 267 -23.49 4.64 13.41
CA THR A 267 -22.09 4.96 13.14
C THR A 267 -21.95 6.33 12.48
N GLY A 268 -23.07 6.93 12.11
CA GLY A 268 -23.04 8.18 11.36
C GLY A 268 -23.00 7.95 9.85
N ASN A 269 -22.99 6.68 9.45
CA ASN A 269 -22.76 6.28 8.07
C ASN A 269 -23.81 5.24 7.63
N ALA A 270 -24.44 5.45 6.48
CA ALA A 270 -25.53 4.59 6.05
C ALA A 270 -25.14 3.14 5.86
N GLU A 271 -23.85 2.91 5.61
CA GLU A 271 -23.31 1.57 5.37
C GLU A 271 -22.72 0.92 6.63
N ASN A 272 -22.91 1.61 7.75
CA ASN A 272 -22.39 1.22 9.06
C ASN A 272 -20.86 1.20 9.11
N LYS A 273 -20.19 1.93 8.22
CA LYS A 273 -18.74 1.98 8.29
C LYS A 273 -18.37 2.70 9.58
N PRO A 274 -17.30 2.27 10.24
CA PRO A 274 -16.30 1.27 9.84
C PRO A 274 -16.54 -0.13 10.39
N ILE A 275 -17.75 -0.42 10.87
CA ILE A 275 -18.01 -1.73 11.42
C ILE A 275 -17.88 -2.80 10.33
N ASN A 276 -17.07 -3.82 10.60
CA ASN A 276 -16.98 -4.99 9.73
C ASN A 276 -18.16 -5.92 9.96
N PHE A 277 -18.75 -6.45 8.89
CA PHE A 277 -19.78 -7.44 9.07
C PHE A 277 -19.74 -8.42 7.92
N PHE A 278 -20.32 -9.59 8.13
CA PHE A 278 -20.47 -10.50 7.01
C PHE A 278 -21.95 -10.66 6.71
N ARG A 279 -22.20 -10.77 5.42
CA ARG A 279 -23.54 -10.89 4.87
C ARG A 279 -23.79 -12.29 4.33
N LEU A 280 -24.82 -12.95 4.87
CA LEU A 280 -25.21 -14.27 4.41
C LEU A 280 -26.41 -14.11 3.54
N THR A 281 -26.30 -14.62 2.32
CA THR A 281 -27.42 -14.65 1.40
C THR A 281 -27.85 -16.07 1.14
N THR A 282 -29.16 -16.31 1.29
CA THR A 282 -29.72 -17.64 1.11
C THR A 282 -30.18 -17.80 -0.32
N ARG A 283 -30.31 -19.04 -0.75
CA ARG A 283 -30.87 -19.33 -2.09
C ARG A 283 -32.27 -18.71 -2.29
N GLY A 284 -33.03 -18.53 -1.20
CA GLY A 284 -34.31 -17.85 -1.32
C GLY A 284 -34.16 -16.36 -1.61
N GLY A 285 -32.96 -15.83 -1.43
CA GLY A 285 -32.67 -14.43 -1.64
C GLY A 285 -32.76 -13.58 -0.39
N LEU A 286 -33.00 -14.25 0.74
CA LEU A 286 -32.93 -13.63 2.05
C LEU A 286 -31.48 -13.29 2.37
N VAL A 287 -31.28 -12.17 3.07
CA VAL A 287 -29.98 -11.66 3.41
C VAL A 287 -29.92 -11.39 4.91
N TYR A 288 -28.79 -11.76 5.53
CA TYR A 288 -28.59 -11.58 6.96
C TYR A 288 -27.26 -10.92 7.14
N ASP A 289 -27.25 -9.82 7.88
CA ASP A 289 -26.00 -9.13 8.20
C ASP A 289 -25.59 -9.42 9.64
N VAL A 290 -24.35 -9.84 9.80
CA VAL A 290 -23.84 -10.25 11.08
C VAL A 290 -22.64 -9.36 11.40
N PRO A 291 -22.85 -8.37 12.25
CA PRO A 291 -21.72 -7.51 12.66
C PRO A 291 -20.67 -8.33 13.40
N ILE A 292 -19.41 -8.00 13.16
CA ILE A 292 -18.28 -8.66 13.80
C ILE A 292 -17.85 -7.84 15.00
N ILE A 293 -17.68 -8.48 16.15
CA ILE A 293 -17.31 -7.81 17.39
C ILE A 293 -16.13 -8.51 18.04
N THR A 294 -15.50 -7.80 18.97
CA THR A 294 -14.53 -8.40 19.88
C THR A 294 -15.14 -8.42 21.25
N HIS A 295 -15.44 -9.61 21.74
CA HIS A 295 -16.04 -9.78 23.06
C HIS A 295 -15.59 -11.06 23.71
N GLU A 296 -14.93 -10.92 24.87
CA GLU A 296 -14.51 -12.03 25.71
C GLU A 296 -15.61 -12.38 26.69
N GLY A 297 -15.78 -13.67 26.94
CA GLY A 297 -16.69 -14.09 27.98
C GLY A 297 -18.12 -14.11 27.52
N ALA A 298 -19.04 -14.22 28.47
CA ALA A 298 -20.44 -14.42 28.13
C ALA A 298 -21.05 -13.19 27.49
N ILE A 299 -21.92 -13.42 26.51
CA ILE A 299 -22.60 -12.34 25.82
C ILE A 299 -23.78 -11.84 26.65
N PRO A 300 -23.88 -10.51 26.85
CA PRO A 300 -25.05 -9.97 27.53
C PRO A 300 -26.34 -10.43 26.88
N GLY A 301 -27.19 -11.13 27.61
CA GLY A 301 -28.46 -11.59 27.06
C GLY A 301 -28.35 -12.96 26.42
N GLY A 302 -27.13 -13.45 26.25
CA GLY A 302 -26.90 -14.82 25.79
C GLY A 302 -27.09 -15.05 24.30
N GLN A 303 -27.56 -14.03 23.58
CA GLN A 303 -27.75 -14.12 22.14
C GLN A 303 -26.83 -13.15 21.41
N TYR A 304 -25.97 -13.69 20.57
CA TYR A 304 -25.02 -12.88 19.84
C TYR A 304 -25.69 -11.77 19.03
N LEU A 305 -26.73 -12.10 18.27
CA LEU A 305 -27.15 -11.13 17.26
C LEU A 305 -27.71 -9.82 17.82
N PRO A 306 -28.58 -9.90 18.84
CA PRO A 306 -29.11 -8.65 19.41
C PRO A 306 -28.03 -7.79 20.04
N PHE A 307 -27.04 -8.42 20.67
CA PHE A 307 -25.93 -7.69 21.27
C PHE A 307 -25.11 -7.03 20.16
N ALA A 308 -24.73 -7.84 19.19
CA ALA A 308 -23.90 -7.38 18.08
C ALA A 308 -24.59 -6.31 17.26
N LYS A 309 -25.91 -6.39 17.16
CA LYS A 309 -26.65 -5.39 16.41
C LYS A 309 -26.98 -4.12 17.20
N GLY A 310 -26.39 -3.98 18.38
CA GLY A 310 -26.57 -2.77 19.20
C GLY A 310 -27.96 -2.55 19.77
N LEU A 311 -28.74 -3.62 19.96
CA LEU A 311 -30.11 -3.51 20.44
C LEU A 311 -30.20 -3.52 21.97
N LEU A 312 -29.09 -3.77 22.66
CA LEU A 312 -29.12 -3.85 24.13
C LEU A 312 -28.46 -2.62 24.75
N ALA A 313 -28.70 -2.40 26.04
CA ALA A 313 -28.08 -1.29 26.76
C ALA A 313 -26.56 -1.35 26.68
N ASP A 314 -26.01 -2.54 26.86
CA ASP A 314 -24.57 -2.74 26.71
C ASP A 314 -24.25 -2.85 25.23
N LYS A 315 -23.29 -2.06 24.74
CA LYS A 315 -22.84 -2.13 23.35
C LYS A 315 -21.52 -2.87 23.18
N PRO A 316 -21.37 -3.61 22.08
CA PRO A 316 -20.08 -4.28 21.91
C PRO A 316 -18.96 -3.36 21.48
N SER A 317 -17.76 -3.89 21.61
CA SER A 317 -16.64 -3.32 20.87
C SER A 317 -16.63 -3.95 19.48
N TYR A 318 -16.58 -3.10 18.45
CA TYR A 318 -16.55 -3.55 17.07
C TYR A 318 -15.16 -3.52 16.46
N THR A 319 -14.17 -3.20 17.27
CA THR A 319 -12.82 -3.25 16.77
C THR A 319 -12.49 -4.67 16.36
N VAL A 320 -11.85 -4.80 15.21
CA VAL A 320 -11.26 -6.06 14.78
C VAL A 320 -9.76 -5.95 15.06
N TYR A 321 -9.22 -6.83 15.89
CA TYR A 321 -7.82 -6.81 16.29
C TYR A 321 -6.93 -7.71 15.44
N ARG A 322 -5.70 -7.26 15.16
CA ARG A 322 -4.78 -8.10 14.40
C ARG A 322 -4.51 -9.43 15.08
N ASN A 323 -4.29 -10.45 14.28
CA ASN A 323 -3.79 -11.74 14.73
C ASN A 323 -4.76 -12.43 15.69
N ARG A 324 -6.04 -12.09 15.58
CA ARG A 324 -7.05 -12.80 16.34
C ARG A 324 -7.92 -13.60 15.36
N HIS A 325 -8.60 -14.58 15.90
CA HIS A 325 -9.39 -15.53 15.11
C HIS A 325 -10.86 -15.42 15.54
N TYR A 326 -11.71 -14.97 14.61
CA TYR A 326 -13.13 -14.73 14.82
C TYR A 326 -13.89 -15.92 14.23
N ILE A 327 -14.53 -16.68 15.11
CA ILE A 327 -15.13 -17.96 14.73
C ILE A 327 -16.64 -17.90 14.93
N TYR A 328 -17.37 -18.16 13.85
CA TYR A 328 -18.83 -18.20 13.87
C TYR A 328 -19.33 -19.58 13.52
N ARG A 329 -20.33 -20.01 14.29
CA ARG A 329 -21.02 -21.25 14.05
C ARG A 329 -22.46 -20.86 13.77
N ILE A 330 -22.90 -21.13 12.55
CA ILE A 330 -24.20 -20.66 12.07
C ILE A 330 -25.16 -21.78 11.66
N LYS A 331 -26.41 -21.66 12.10
CA LYS A 331 -27.50 -22.55 11.68
C LYS A 331 -28.42 -21.77 10.76
N THR A 332 -28.61 -22.25 9.54
CA THR A 332 -29.49 -21.63 8.56
C THR A 332 -30.82 -22.34 8.52
N LEU A 333 -31.83 -21.70 9.11
CA LEU A 333 -33.15 -22.28 9.15
C LEU A 333 -33.98 -21.55 8.11
N PRO A 334 -35.21 -22.05 7.83
CA PRO A 334 -36.02 -21.54 6.73
C PRO A 334 -36.21 -20.03 6.77
N ASP A 335 -36.56 -19.50 7.93
CA ASP A 335 -36.89 -18.09 8.10
C ASP A 335 -35.91 -17.28 8.95
N LYS A 336 -34.86 -17.91 9.48
CA LYS A 336 -33.92 -17.20 10.35
C LYS A 336 -32.55 -17.88 10.37
N ILE A 337 -31.61 -17.21 11.04
CA ILE A 337 -30.33 -17.84 11.37
C ILE A 337 -30.08 -17.77 12.86
N GLU A 338 -29.23 -18.67 13.32
CA GLU A 338 -28.77 -18.66 14.69
C GLU A 338 -27.28 -18.54 14.60
N VAL A 339 -26.69 -17.75 15.46
CA VAL A 339 -25.25 -17.51 15.42
C VAL A 339 -24.63 -17.71 16.78
N LYS A 340 -23.61 -18.55 16.85
CA LYS A 340 -22.76 -18.67 18.03
C LYS A 340 -21.37 -18.19 17.65
N TYR A 341 -20.66 -17.65 18.64
CA TYR A 341 -19.44 -16.88 18.43
C TYR A 341 -18.38 -17.17 19.45
N SER A 342 -17.14 -17.14 19.00
CA SER A 342 -16.00 -17.10 19.91
C SER A 342 -14.85 -16.33 19.26
N ILE A 343 -13.97 -15.76 20.09
CA ILE A 343 -12.76 -15.14 19.58
C ILE A 343 -11.60 -15.83 20.28
N CYS A 344 -10.55 -16.14 19.55
CA CYS A 344 -9.37 -16.71 20.20
C CYS A 344 -8.11 -16.26 19.53
N ASP A 345 -6.98 -16.67 20.08
CA ASP A 345 -5.70 -16.38 19.45
C ASP A 345 -5.60 -17.21 18.18
N TRP A 346 -4.78 -16.73 17.26
CA TRP A 346 -4.55 -17.39 15.98
C TRP A 346 -3.45 -18.44 16.11
N PRO B 39 -29.41 -4.76 -28.56
CA PRO B 39 -28.45 -4.50 -29.64
C PRO B 39 -27.07 -4.31 -29.04
N ASP B 40 -26.04 -4.83 -29.68
CA ASP B 40 -24.71 -4.87 -29.06
C ASP B 40 -23.67 -4.00 -29.74
N VAL B 41 -22.56 -3.87 -29.04
CA VAL B 41 -21.40 -3.15 -29.53
C VAL B 41 -20.18 -4.02 -29.34
N TYR B 42 -19.38 -4.14 -30.39
CA TYR B 42 -18.04 -4.69 -30.26
C TYR B 42 -17.02 -3.58 -30.43
N LEU B 43 -16.27 -3.33 -29.36
CA LEU B 43 -15.29 -2.27 -29.32
C LEU B 43 -13.89 -2.83 -29.39
N LEU B 44 -13.05 -2.22 -30.19
CA LEU B 44 -11.62 -2.53 -30.20
C LEU B 44 -10.84 -1.53 -29.37
N VAL B 45 -10.21 -2.00 -28.29
CA VAL B 45 -9.49 -1.09 -27.38
C VAL B 45 -8.01 -1.22 -27.68
N ASN B 46 -7.37 -0.07 -27.84
CA ASN B 46 -5.93 -0.02 -28.05
C ASN B 46 -5.27 0.81 -26.96
N ALA B 47 -4.38 0.22 -26.17
CA ALA B 47 -3.81 0.88 -24.98
C ALA B 47 -2.29 0.81 -24.91
N ARG B 48 -1.68 1.78 -24.22
CA ARG B 48 -0.22 1.85 -23.99
C ARG B 48 0.11 2.98 -22.99
N ALA B 49 1.38 3.16 -22.66
CA ALA B 49 1.78 4.16 -21.64
C ALA B 49 2.06 5.56 -22.24
N ALA B 50 3.06 6.27 -21.70
CA ALA B 50 3.40 7.63 -22.11
C ALA B 50 4.73 7.68 -22.87
N ASP B 64 13.75 1.09 -20.43
CA ASP B 64 12.60 0.37 -20.95
C ASP B 64 11.66 -0.06 -19.84
N PHE B 65 12.23 -0.42 -18.68
CA PHE B 65 11.43 -0.96 -17.59
C PHE B 65 10.35 0.05 -17.17
N GLU B 66 10.67 1.34 -17.26
CA GLU B 66 9.79 2.35 -16.70
C GLU B 66 8.59 2.53 -17.61
N ASP B 67 8.64 1.89 -18.77
CA ASP B 67 7.56 2.00 -19.75
C ASP B 67 6.72 0.73 -19.83
N ARG B 68 7.15 -0.32 -19.13
CA ARG B 68 6.54 -1.64 -19.29
C ARG B 68 5.18 -1.72 -18.62
N VAL B 69 4.23 -2.29 -19.35
CA VAL B 69 2.91 -2.58 -18.85
C VAL B 69 2.78 -4.10 -18.79
N HIS B 70 2.80 -4.64 -17.58
CA HIS B 70 2.87 -6.10 -17.38
C HIS B 70 1.49 -6.71 -17.25
N SER B 71 0.56 -5.91 -16.76
CA SER B 71 -0.82 -6.29 -16.62
C SER B 71 -1.70 -5.08 -16.79
N LEU B 72 -2.91 -5.29 -17.33
CA LEU B 72 -3.86 -4.21 -17.56
C LEU B 72 -5.31 -4.68 -17.28
N ALA B 73 -5.98 -3.98 -16.36
CA ALA B 73 -7.40 -4.20 -16.11
C ALA B 73 -8.18 -3.06 -16.70
N MET B 74 -9.30 -3.37 -17.35
CA MET B 74 -10.25 -2.40 -17.79
C MET B 74 -11.60 -2.71 -17.14
N LEU B 75 -12.23 -1.71 -16.54
CA LEU B 75 -13.57 -1.85 -15.99
C LEU B 75 -14.41 -0.71 -16.52
N VAL B 76 -15.61 -1.07 -16.98
CA VAL B 76 -16.52 -0.15 -17.67
C VAL B 76 -17.88 -0.12 -16.98
N PHE B 77 -18.38 1.08 -16.74
CA PHE B 77 -19.61 1.28 -15.96
C PHE B 77 -20.58 2.21 -16.68
N ASP B 78 -21.87 1.98 -16.47
CA ASP B 78 -22.86 2.93 -16.96
C ASP B 78 -22.69 4.27 -16.23
N SER B 79 -22.58 5.36 -16.99
CA SER B 79 -22.24 6.66 -16.42
C SER B 79 -23.30 7.16 -15.44
N ASN B 80 -24.54 6.74 -15.65
CA ASN B 80 -25.65 7.19 -14.83
C ASN B 80 -26.08 6.23 -13.73
N THR B 81 -26.13 4.94 -14.04
CA THR B 81 -26.61 3.98 -13.05
C THR B 81 -25.44 3.47 -12.21
N GLY B 82 -24.23 3.54 -12.77
CA GLY B 82 -23.07 2.94 -12.10
C GLY B 82 -22.92 1.42 -12.23
N GLU B 83 -23.83 0.77 -12.96
CA GLU B 83 -23.74 -0.66 -13.22
C GLU B 83 -22.46 -0.99 -13.98
N LYS B 84 -21.79 -2.07 -13.58
CA LYS B 84 -20.67 -2.61 -14.36
C LYS B 84 -21.19 -3.24 -15.63
N VAL B 85 -20.71 -2.76 -16.77
CA VAL B 85 -21.20 -3.26 -18.03
C VAL B 85 -20.16 -4.01 -18.87
N ALA B 86 -18.89 -3.98 -18.46
CA ALA B 86 -17.88 -4.76 -19.17
C ALA B 86 -16.61 -4.74 -18.35
N GLU B 87 -15.77 -5.75 -18.53
CA GLU B 87 -14.45 -5.66 -17.92
C GLU B 87 -13.53 -6.57 -18.68
N HIS B 88 -12.24 -6.31 -18.55
CA HIS B 88 -11.25 -7.12 -19.25
C HIS B 88 -9.98 -7.13 -18.42
N PHE B 89 -9.29 -8.25 -18.41
CA PHE B 89 -7.97 -8.30 -17.77
C PHE B 89 -7.01 -9.04 -18.67
N SER B 90 -5.80 -8.48 -18.81
CA SER B 90 -4.75 -9.09 -19.62
C SER B 90 -3.42 -8.95 -18.93
N SER B 91 -2.51 -9.86 -19.24
CA SER B 91 -1.14 -9.80 -18.75
C SER B 91 -0.15 -10.14 -19.86
N SER B 92 1.12 -9.85 -19.61
CA SER B 92 2.22 -10.29 -20.48
C SER B 92 3.40 -10.71 -19.62
N ILE B 93 4.15 -11.72 -20.07
CA ILE B 93 5.35 -12.16 -19.36
C ILE B 93 6.61 -11.82 -20.16
N GLY B 94 6.44 -11.45 -21.42
CA GLY B 94 7.55 -10.99 -22.22
C GLY B 94 7.13 -10.15 -23.41
N SER B 95 7.99 -9.25 -23.91
CA SER B 95 9.27 -8.85 -23.29
C SER B 95 9.09 -7.49 -22.62
N GLY B 96 9.55 -6.43 -23.28
CA GLY B 96 9.32 -5.07 -22.81
C GLY B 96 8.00 -4.56 -23.35
N THR B 97 6.95 -5.35 -23.14
CA THR B 97 5.66 -5.14 -23.81
C THR B 97 5.07 -3.75 -23.58
N SER B 98 4.71 -3.12 -24.69
CA SER B 98 4.14 -1.78 -24.70
C SER B 98 2.62 -1.82 -24.79
N THR B 99 2.11 -2.25 -25.94
CA THR B 99 0.72 -2.01 -26.30
C THR B 99 -0.21 -3.23 -26.17
N TYR B 100 -1.42 -2.96 -25.68
CA TYR B 100 -2.47 -3.95 -25.51
C TYR B 100 -3.61 -3.66 -26.47
N VAL B 101 -4.04 -4.66 -27.21
CA VAL B 101 -5.16 -4.50 -28.11
C VAL B 101 -6.12 -5.66 -27.91
N PHE B 102 -7.37 -5.34 -27.61
CA PHE B 102 -8.39 -6.36 -27.38
C PHE B 102 -9.79 -5.86 -27.69
N THR B 103 -10.68 -6.82 -27.88
CA THR B 103 -12.07 -6.57 -28.20
C THR B 103 -12.96 -6.77 -26.99
N VAL B 104 -13.96 -5.92 -26.83
CA VAL B 104 -14.89 -6.04 -25.72
C VAL B 104 -16.31 -5.92 -26.26
N LYS B 105 -17.21 -6.72 -25.70
CA LYS B 105 -18.62 -6.72 -26.07
C LYS B 105 -19.41 -6.08 -24.96
N LEU B 106 -20.25 -5.12 -25.29
CA LEU B 106 -21.05 -4.44 -24.28
C LEU B 106 -22.27 -3.79 -24.91
N LYS B 107 -23.20 -3.37 -24.06
CA LYS B 107 -24.39 -2.69 -24.50
C LYS B 107 -24.02 -1.22 -24.74
N PRO B 108 -24.65 -0.58 -25.72
CA PRO B 108 -24.40 0.83 -26.01
C PRO B 108 -24.91 1.76 -24.92
N GLY B 109 -24.39 2.98 -24.90
CA GLY B 109 -24.82 3.96 -23.93
C GLY B 109 -23.68 4.87 -23.54
N GLN B 110 -23.88 5.57 -22.44
CA GLN B 110 -22.87 6.43 -21.83
C GLN B 110 -22.06 5.59 -20.85
N ARG B 111 -20.75 5.56 -21.05
CA ARG B 111 -19.92 4.67 -20.22
C ARG B 111 -18.71 5.42 -19.67
N ASP B 112 -18.36 5.05 -18.43
CA ASP B 112 -17.13 5.45 -17.76
C ASP B 112 -16.14 4.29 -17.84
N PHE B 113 -14.97 4.55 -18.43
CA PHE B 113 -13.94 3.54 -18.65
C PHE B 113 -12.79 3.73 -17.66
N PHE B 114 -12.41 2.67 -16.95
CA PHE B 114 -11.28 2.74 -16.01
C PHE B 114 -10.17 1.76 -16.42
N PHE B 115 -8.93 2.25 -16.48
CA PHE B 115 -7.80 1.44 -16.87
C PHE B 115 -6.78 1.47 -15.75
N VAL B 116 -6.36 0.30 -15.33
CA VAL B 116 -5.37 0.16 -14.23
C VAL B 116 -4.29 -0.83 -14.61
N ALA B 117 -3.03 -0.40 -14.55
CA ALA B 117 -1.91 -1.22 -14.96
C ALA B 117 -0.91 -1.46 -13.82
N ASN B 118 -0.34 -2.65 -13.84
CA ASN B 118 0.75 -3.03 -12.92
C ASN B 118 0.35 -2.98 -11.44
N ILE B 119 -0.91 -3.26 -11.15
CA ILE B 119 -1.36 -3.31 -9.77
C ILE B 119 -1.37 -4.78 -9.28
N PRO B 120 -0.69 -5.06 -8.15
CA PRO B 120 -0.62 -6.45 -7.68
C PRO B 120 -1.99 -7.09 -7.44
N ASN B 121 -2.19 -8.26 -8.03
CA ASN B 121 -3.44 -9.01 -7.93
C ASN B 121 -4.69 -8.18 -8.25
N MET B 122 -4.53 -7.27 -9.19
CA MET B 122 -5.67 -6.55 -9.72
C MET B 122 -6.80 -7.47 -10.19
N GLN B 123 -6.45 -8.63 -10.72
CA GLN B 123 -7.47 -9.50 -11.27
C GLN B 123 -8.43 -9.94 -10.16
N THR B 124 -7.87 -10.27 -9.01
CA THR B 124 -8.65 -10.63 -7.85
C THR B 124 -9.46 -9.40 -7.37
N ALA B 125 -8.85 -8.23 -7.40
CA ALA B 125 -9.51 -7.01 -6.92
C ALA B 125 -10.78 -6.71 -7.72
N MET B 126 -10.77 -7.08 -9.00
CA MET B 126 -11.92 -6.80 -9.88
C MET B 126 -13.23 -7.37 -9.35
N ALA B 127 -13.17 -8.53 -8.70
CA ALA B 127 -14.36 -9.18 -8.17
C ALA B 127 -14.99 -8.39 -7.03
N SER B 128 -14.20 -7.56 -6.36
CA SER B 128 -14.71 -6.80 -5.25
C SER B 128 -15.09 -5.39 -5.67
N ILE B 129 -14.97 -5.10 -6.96
CA ILE B 129 -15.44 -3.85 -7.52
C ILE B 129 -16.77 -4.12 -8.24
N VAL B 130 -17.88 -4.01 -7.52
CA VAL B 130 -19.16 -4.43 -8.08
C VAL B 130 -19.75 -3.34 -8.97
N ASN B 131 -19.59 -2.10 -8.57
CA ASN B 131 -20.19 -0.97 -9.26
C ASN B 131 -19.25 0.23 -9.33
N LYS B 132 -19.73 1.31 -9.94
CA LYS B 132 -18.89 2.48 -10.18
C LYS B 132 -18.49 3.16 -8.88
N SER B 133 -19.37 3.13 -7.87
CA SER B 133 -19.01 3.65 -6.56
C SER B 133 -17.79 2.92 -6.00
N ASP B 134 -17.81 1.58 -6.05
CA ASP B 134 -16.67 0.78 -5.61
C ASP B 134 -15.44 1.13 -6.42
N MET B 135 -15.64 1.31 -7.72
CA MET B 135 -14.52 1.59 -8.62
C MET B 135 -13.82 2.92 -8.27
N ASN B 136 -14.61 3.96 -8.03
CA ASN B 136 -14.03 5.23 -7.68
C ASN B 136 -13.35 5.16 -6.32
N HIS B 137 -13.94 4.43 -5.37
CA HIS B 137 -13.26 4.23 -4.09
C HIS B 137 -11.91 3.55 -4.34
N PHE B 138 -11.89 2.50 -5.16
CA PHE B 138 -10.64 1.80 -5.46
C PHE B 138 -9.60 2.74 -6.06
N MET B 139 -10.02 3.56 -7.03
CA MET B 139 -9.09 4.52 -7.65
C MET B 139 -8.50 5.52 -6.63
N GLN B 140 -9.26 5.84 -5.59
CA GLN B 140 -8.90 6.90 -4.63
C GLN B 140 -8.04 6.39 -3.49
N VAL B 141 -7.88 5.07 -3.39
CA VAL B 141 -7.11 4.49 -2.28
C VAL B 141 -5.67 5.02 -2.23
N PHE B 142 -5.21 5.35 -1.04
CA PHE B 142 -3.79 5.70 -0.86
C PHE B 142 -2.96 4.39 -0.75
N ARG B 143 -2.05 4.18 -1.68
CA ARG B 143 -1.32 2.92 -1.79
C ARG B 143 0.17 3.13 -1.53
N ASP B 144 0.78 2.29 -0.71
CA ASP B 144 2.18 2.56 -0.38
C ASP B 144 3.04 2.11 -1.55
N LEU B 145 3.82 3.03 -2.08
CA LEU B 145 4.74 2.69 -3.16
C LEU B 145 5.73 1.59 -2.76
N ASP B 146 5.87 0.61 -3.62
CA ASP B 146 6.92 -0.41 -3.48
C ASP B 146 8.28 0.28 -3.25
N PRO B 147 9.01 -0.12 -2.20
CA PRO B 147 10.32 0.50 -1.92
C PRO B 147 11.24 0.58 -3.14
N ILE B 148 11.22 -0.44 -4.00
CA ILE B 148 12.16 -0.43 -5.12
C ILE B 148 11.81 0.68 -6.11
N HIS B 149 10.56 1.13 -6.12
CA HIS B 149 10.11 2.04 -7.18
C HIS B 149 10.56 3.48 -6.95
N TYR B 150 11.06 3.79 -5.76
CA TYR B 150 11.79 5.05 -5.58
C TYR B 150 13.12 5.09 -6.34
N HIS B 151 13.62 3.91 -6.71
CA HIS B 151 14.90 3.78 -7.38
C HIS B 151 14.74 3.45 -8.85
N ASN B 152 13.86 2.50 -9.15
CA ASN B 152 13.65 2.04 -10.52
C ASN B 152 12.51 1.05 -10.61
N ALA B 153 11.94 0.96 -11.80
CA ALA B 153 11.11 -0.18 -12.19
C ALA B 153 12.07 -1.31 -12.55
N THR B 154 11.61 -2.55 -12.41
CA THR B 154 12.44 -3.72 -12.72
C THR B 154 11.80 -4.47 -13.87
N ASN B 155 12.50 -5.47 -14.37
CA ASN B 155 12.01 -6.16 -15.55
C ASN B 155 10.63 -6.80 -15.32
N ASN B 156 10.31 -7.16 -14.07
CA ASN B 156 9.01 -7.80 -13.77
C ASN B 156 8.07 -6.92 -12.93
N ASN B 157 8.59 -5.84 -12.38
CA ASN B 157 7.79 -5.02 -11.49
C ASN B 157 7.71 -3.57 -12.00
N GLY B 158 6.67 -3.29 -12.77
CA GLY B 158 6.52 -1.98 -13.37
C GLY B 158 5.84 -0.98 -12.47
N PHE B 159 5.88 0.29 -12.87
CA PHE B 159 5.21 1.35 -12.12
C PHE B 159 3.70 1.20 -12.25
N PRO B 160 2.95 1.42 -11.17
CA PRO B 160 1.49 1.53 -11.31
C PRO B 160 1.15 2.63 -12.31
N MET B 161 0.18 2.39 -13.18
CA MET B 161 -0.31 3.42 -14.11
C MET B 161 -1.83 3.32 -14.18
N SER B 162 -2.46 4.39 -14.64
CA SER B 162 -3.89 4.38 -14.78
C SER B 162 -4.37 5.45 -15.73
N ARG B 163 -5.63 5.30 -16.13
CA ARG B 163 -6.31 6.34 -16.89
C ARG B 163 -7.81 6.10 -16.77
N MET B 164 -8.57 7.19 -16.72
CA MET B 164 -10.03 7.11 -16.71
C MET B 164 -10.62 8.05 -17.74
N TYR B 165 -11.70 7.60 -18.35
CA TYR B 165 -12.43 8.38 -19.33
C TYR B 165 -13.89 8.33 -18.94
N SER B 166 -14.51 9.50 -18.74
CA SER B 166 -15.86 9.56 -18.23
C SER B 166 -16.85 9.99 -19.32
N ASN B 167 -18.08 9.51 -19.18
CA ASN B 167 -19.20 9.90 -20.04
C ASN B 167 -18.84 9.76 -21.52
N GLN B 168 -18.33 8.58 -21.88
CA GLN B 168 -18.00 8.29 -23.26
C GLN B 168 -19.24 7.76 -23.96
N THR B 169 -19.49 8.27 -25.16
CA THR B 169 -20.65 7.80 -25.93
C THR B 169 -20.25 6.57 -26.73
N VAL B 170 -20.92 5.46 -26.41
CA VAL B 170 -20.67 4.18 -27.07
C VAL B 170 -21.88 3.89 -27.95
N THR B 171 -21.68 3.95 -29.27
CA THR B 171 -22.74 3.77 -30.24
C THR B 171 -22.84 2.33 -30.71
N ILE B 172 -23.94 2.02 -31.36
CA ILE B 172 -24.22 0.68 -31.84
C ILE B 172 -23.38 0.31 -33.04
N GLY B 173 -22.85 -0.90 -33.01
CA GLY B 173 -22.22 -1.49 -34.20
C GLY B 173 -21.00 -2.32 -33.88
N GLY B 174 -20.28 -2.70 -34.93
CA GLY B 174 -19.13 -3.57 -34.80
C GLY B 174 -19.56 -5.01 -34.82
N THR B 175 -18.63 -5.90 -35.11
CA THR B 175 -18.85 -7.34 -35.00
C THR B 175 -17.63 -7.90 -34.29
N ILE B 176 -17.68 -9.15 -33.85
CA ILE B 176 -16.53 -9.73 -33.15
C ILE B 176 -15.33 -9.79 -34.11
N THR B 177 -15.61 -9.84 -35.40
CA THR B 177 -14.53 -9.88 -36.40
C THR B 177 -14.19 -8.49 -36.92
N GLN B 178 -15.12 -7.55 -36.75
CA GLN B 178 -14.95 -6.19 -37.26
C GLN B 178 -15.43 -5.18 -36.24
N PRO B 179 -14.75 -5.11 -35.11
CA PRO B 179 -15.20 -4.22 -34.03
C PRO B 179 -14.99 -2.73 -34.34
N LEU B 180 -15.76 -1.86 -33.68
CA LEU B 180 -15.55 -0.42 -33.79
C LEU B 180 -14.34 0.02 -32.95
N PRO B 181 -13.44 0.83 -33.52
CA PRO B 181 -12.37 1.34 -32.65
C PRO B 181 -12.88 2.27 -31.55
N PHE B 182 -12.44 1.99 -30.33
CA PHE B 182 -12.69 2.84 -29.19
C PHE B 182 -11.81 4.07 -29.29
N LYS B 183 -12.44 5.24 -29.31
CA LYS B 183 -11.72 6.51 -29.41
C LYS B 183 -11.88 7.31 -28.12
N PRO B 184 -11.07 7.00 -27.09
CA PRO B 184 -11.22 7.72 -25.82
C PRO B 184 -11.03 9.21 -25.98
N ASP B 185 -12.06 9.97 -25.61
CA ASP B 185 -12.09 11.42 -25.84
C ASP B 185 -11.58 11.80 -27.23
N GLY B 186 -11.90 10.97 -28.21
CA GLY B 186 -11.59 11.24 -29.61
C GLY B 186 -10.20 10.84 -30.05
N GLU B 187 -9.37 10.41 -29.11
CA GLU B 187 -8.02 9.96 -29.41
C GLU B 187 -8.04 8.52 -29.90
N ASN B 188 -6.96 8.07 -30.51
CA ASN B 188 -6.88 6.71 -31.05
C ASN B 188 -6.47 5.67 -30.02
N ASN B 189 -5.66 6.10 -29.06
CA ASN B 189 -5.12 5.20 -28.06
C ASN B 189 -5.52 5.60 -26.67
N VAL B 190 -5.79 4.59 -25.85
CA VAL B 190 -5.77 4.75 -24.40
C VAL B 190 -4.32 4.99 -24.00
N LYS B 191 -4.09 6.05 -23.21
CA LYS B 191 -2.75 6.43 -22.80
C LYS B 191 -2.67 6.46 -21.28
N LEU B 192 -1.98 5.48 -20.71
CA LEU B 192 -1.84 5.33 -19.27
C LEU B 192 -0.86 6.34 -18.68
N GLN B 193 -1.18 6.89 -17.52
CA GLN B 193 -0.26 7.77 -16.82
C GLN B 193 0.34 7.09 -15.63
N ARG B 194 1.66 7.19 -15.51
CA ARG B 194 2.33 6.68 -14.34
C ARG B 194 1.91 7.48 -13.12
N VAL B 195 1.91 6.83 -11.96
CA VAL B 195 1.52 7.47 -10.71
C VAL B 195 2.71 8.18 -10.04
N VAL B 196 3.90 8.01 -10.60
CA VAL B 196 5.14 8.60 -10.11
C VAL B 196 5.66 9.68 -11.05
N ALA B 197 6.49 10.56 -10.50
CA ALA B 197 7.32 11.45 -11.30
C ALA B 197 8.76 10.93 -11.33
N LYS B 198 9.52 11.44 -12.27
CA LYS B 198 10.90 11.06 -12.48
C LYS B 198 11.81 12.21 -12.12
N LEU B 199 12.77 11.94 -11.24
CA LEU B 199 13.73 12.93 -10.81
C LEU B 199 15.08 12.60 -11.43
N ASP B 200 15.64 13.57 -12.14
CA ASP B 200 16.77 13.35 -13.02
C ASP B 200 17.87 14.40 -12.76
N VAL B 201 18.89 14.01 -11.99
CA VAL B 201 19.91 14.97 -11.55
C VAL B 201 21.24 14.67 -12.22
N ASN B 202 21.78 15.68 -12.93
CA ASN B 202 22.98 15.53 -13.73
C ASN B 202 24.04 16.50 -13.26
N ILE B 203 25.18 15.96 -12.86
CA ILE B 203 26.27 16.78 -12.37
C ILE B 203 27.22 17.12 -13.51
N VAL B 204 27.02 18.29 -14.10
CA VAL B 204 27.68 18.64 -15.36
C VAL B 204 29.08 19.19 -15.16
N GLU B 205 29.37 19.63 -13.93
CA GLU B 205 30.72 20.07 -13.59
C GLU B 205 30.98 19.70 -12.13
N GLY B 206 32.20 19.25 -11.86
CA GLY B 206 32.64 19.02 -10.49
C GLY B 206 32.10 17.77 -9.83
N VAL B 207 31.87 16.73 -10.62
CA VAL B 207 31.27 15.50 -10.11
C VAL B 207 32.21 14.78 -9.13
N GLU B 208 33.51 15.09 -9.19
CA GLU B 208 34.46 14.51 -8.27
C GLU B 208 34.25 14.94 -6.82
N ASN B 209 33.54 16.05 -6.63
CA ASN B 209 33.31 16.58 -5.29
C ASN B 209 32.05 16.03 -4.64
N LEU B 210 31.21 15.40 -5.46
CA LEU B 210 29.93 14.83 -5.01
C LEU B 210 30.09 13.48 -4.33
N GLN B 211 29.60 13.38 -3.11
CA GLN B 211 29.62 12.14 -2.36
C GLN B 211 28.30 11.38 -2.55
N LYS B 212 27.18 12.03 -2.27
CA LYS B 212 25.87 11.41 -2.50
C LYS B 212 24.79 12.43 -2.72
N ILE B 213 23.66 11.92 -3.19
CA ILE B 213 22.46 12.70 -3.45
C ILE B 213 21.27 11.93 -2.90
N GLU B 214 20.41 12.64 -2.18
CA GLU B 214 19.29 12.01 -1.50
C GLU B 214 18.03 12.77 -1.80
N LEU B 215 17.00 12.03 -2.16
CA LEU B 215 15.67 12.60 -2.29
C LEU B 215 14.96 12.49 -0.94
N CYS B 216 14.47 13.63 -0.46
CA CYS B 216 13.88 13.77 0.88
C CYS B 216 12.44 14.25 0.82
N ASN B 217 11.67 13.83 1.84
CA ASN B 217 10.25 14.16 2.00
C ASN B 217 9.36 13.56 0.93
N ALA B 218 9.81 12.52 0.22
CA ALA B 218 8.91 11.92 -0.79
C ALA B 218 7.65 11.36 -0.16
N ASN B 219 6.54 11.51 -0.87
CA ASN B 219 5.29 10.90 -0.47
C ASN B 219 5.43 9.37 -0.37
N VAL B 220 4.89 8.82 0.69
CA VAL B 220 4.82 7.37 0.89
C VAL B 220 3.86 6.71 -0.12
N HIS B 221 2.78 7.43 -0.38
CA HIS B 221 1.65 6.89 -1.11
C HIS B 221 1.50 7.39 -2.53
N TYR B 222 1.06 6.47 -3.39
CA TYR B 222 0.50 6.87 -4.66
C TYR B 222 -0.98 6.69 -4.66
N ARG B 223 -1.61 7.20 -5.72
CA ARG B 223 -3.05 7.19 -5.87
C ARG B 223 -3.37 7.02 -7.36
N LEU B 224 -4.37 6.22 -7.69
CA LEU B 224 -4.65 5.93 -9.11
C LEU B 224 -5.41 7.06 -9.81
N VAL B 225 -5.87 8.05 -9.04
CA VAL B 225 -6.42 9.27 -9.62
C VAL B 225 -5.72 10.42 -8.95
N PRO B 226 -5.69 11.58 -9.59
CA PRO B 226 -4.93 12.69 -8.98
C PRO B 226 -5.31 13.02 -7.55
N ASN B 227 -4.29 13.39 -6.77
CA ASN B 227 -4.45 13.84 -5.41
C ASN B 227 -5.05 15.22 -5.34
N GLN B 228 -5.90 15.46 -4.34
CA GLN B 228 -6.42 16.80 -4.08
C GLN B 228 -5.96 17.37 -2.74
N SER B 229 -5.19 16.59 -1.99
CA SER B 229 -4.75 16.96 -0.66
C SER B 229 -3.27 16.68 -0.55
N GLU B 230 -2.63 17.35 0.39
CA GLU B 230 -1.23 17.07 0.67
C GLU B 230 -1.02 15.66 1.21
N PRO B 231 0.21 15.14 1.10
CA PRO B 231 0.50 13.81 1.67
C PRO B 231 0.26 13.76 3.18
N ILE B 232 -0.06 12.58 3.68
CA ILE B 232 -0.20 12.37 5.12
C ILE B 232 1.06 11.70 5.71
N GLN B 233 1.76 10.92 4.91
CA GLN B 233 2.95 10.17 5.33
C GLN B 233 4.08 10.22 4.32
N PHE B 234 5.31 10.21 4.83
CA PHE B 234 6.50 10.50 4.03
C PHE B 234 7.56 9.42 4.13
N TYR B 235 8.19 9.13 3.00
CA TYR B 235 9.21 8.12 2.92
C TYR B 235 10.53 8.62 3.50
N GLY B 236 11.36 7.67 3.91
CA GLY B 236 12.69 7.98 4.41
C GLY B 236 13.54 8.52 3.27
N PRO B 237 14.76 8.94 3.59
CA PRO B 237 15.60 9.49 2.51
C PRO B 237 15.96 8.43 1.47
N VAL B 238 15.89 8.81 0.20
CA VAL B 238 16.19 7.92 -0.92
C VAL B 238 17.51 8.30 -1.55
N GLU B 239 18.53 7.47 -1.42
CA GLU B 239 19.81 7.78 -2.04
C GLU B 239 19.64 7.49 -3.52
N LEU B 240 19.83 8.50 -4.36
CA LEU B 240 19.64 8.31 -5.80
C LEU B 240 20.68 7.36 -6.38
N ARG B 241 20.28 6.68 -7.45
CA ARG B 241 21.07 5.65 -8.11
C ARG B 241 21.79 6.29 -9.26
N ARG B 242 23.12 6.20 -9.26
CA ARG B 242 23.91 6.63 -10.39
C ARG B 242 23.71 5.69 -11.56
N VAL B 243 23.61 6.26 -12.76
CA VAL B 243 23.41 5.48 -13.96
C VAL B 243 24.79 5.14 -14.50
N GLY B 244 25.23 3.92 -14.24
CA GLY B 244 26.53 3.47 -14.71
C GLY B 244 27.66 4.36 -14.24
N ALA B 245 28.58 4.69 -15.13
CA ALA B 245 29.68 5.59 -14.83
C ALA B 245 29.37 7.02 -15.29
N THR B 246 28.12 7.25 -15.71
CA THR B 246 27.72 8.57 -16.19
C THR B 246 27.53 9.54 -15.02
N ASN B 247 27.33 10.82 -15.32
CA ASN B 247 27.09 11.82 -14.27
C ASN B 247 25.59 12.05 -14.04
N GLN B 248 24.80 11.01 -14.27
CA GLN B 248 23.36 11.07 -14.03
C GLN B 248 22.92 10.23 -12.84
N TRP B 249 22.11 10.81 -11.98
CA TRP B 249 21.46 10.14 -10.84
C TRP B 249 19.95 10.20 -10.99
N LEU B 250 19.29 9.07 -10.73
CA LEU B 250 17.85 8.96 -10.89
C LEU B 250 17.11 8.53 -9.64
N GLY B 251 15.89 9.02 -9.54
CA GLY B 251 14.94 8.53 -8.58
C GLY B 251 13.55 8.79 -9.08
N TYR B 252 12.59 8.27 -8.35
CA TYR B 252 11.18 8.46 -8.69
C TYR B 252 10.40 8.68 -7.41
N MET B 253 9.28 9.37 -7.49
CA MET B 253 8.45 9.55 -6.32
C MET B 253 6.99 9.77 -6.70
N PRO B 254 6.09 9.44 -5.77
CA PRO B 254 4.68 9.66 -6.08
C PRO B 254 4.38 11.13 -6.23
N GLU B 255 3.32 11.43 -6.96
CA GLU B 255 2.74 12.73 -6.93
C GLU B 255 2.58 13.24 -5.50
N ALA B 256 2.85 14.51 -5.28
CA ALA B 256 2.75 15.11 -3.96
C ALA B 256 2.25 16.52 -4.10
N ILE B 257 1.04 16.76 -3.59
CA ILE B 257 0.43 18.10 -3.61
C ILE B 257 1.02 18.94 -2.48
N VAL B 258 1.41 20.18 -2.78
CA VAL B 258 1.80 21.14 -1.75
C VAL B 258 0.91 22.36 -1.83
N GLU B 259 0.23 22.71 -0.73
CA GLU B 259 -0.58 23.90 -0.72
C GLU B 259 0.21 25.16 -1.14
N SER B 260 -0.48 25.99 -1.93
CA SER B 260 -0.03 27.28 -2.48
C SER B 260 0.23 28.34 -1.44
N THR B 261 -0.18 28.09 -0.20
CA THR B 261 0.01 29.06 0.85
C THR B 261 1.35 28.83 1.56
N LYS B 262 2.03 27.75 1.23
CA LYS B 262 3.35 27.42 1.82
C LYS B 262 4.50 27.69 0.88
N TRP B 263 5.70 27.85 1.44
CA TRP B 263 6.87 27.83 0.61
C TRP B 263 8.05 27.36 1.46
N TRP B 264 9.19 27.18 0.83
CA TRP B 264 10.40 26.74 1.52
C TRP B 264 10.73 27.63 2.72
N GLY B 265 10.91 27.00 3.87
CA GLY B 265 11.16 27.73 5.08
C GLY B 265 9.89 28.24 5.71
N ASN B 266 8.75 27.96 5.07
CA ASN B 266 7.46 28.41 5.57
C ASN B 266 6.35 27.38 5.33
N THR B 267 6.58 26.15 5.80
CA THR B 267 5.60 25.09 5.67
C THR B 267 4.89 24.79 6.98
N GLY B 268 5.39 25.35 8.09
CA GLY B 268 4.87 25.00 9.39
C GLY B 268 5.58 23.79 9.97
N ASN B 269 6.48 23.20 9.19
CA ASN B 269 7.14 21.94 9.54
C ASN B 269 8.67 22.13 9.52
N ALA B 270 9.37 21.62 10.53
CA ALA B 270 10.81 21.88 10.63
C ALA B 270 11.60 21.30 9.47
N GLU B 271 11.06 20.23 8.90
CA GLU B 271 11.72 19.54 7.81
C GLU B 271 11.20 19.95 6.44
N ASN B 272 10.39 21.02 6.43
CA ASN B 272 9.80 21.54 5.18
C ASN B 272 8.85 20.57 4.48
N LYS B 273 8.34 19.61 5.24
CA LYS B 273 7.31 18.74 4.67
C LYS B 273 6.09 19.60 4.35
N PRO B 274 5.38 19.29 3.25
CA PRO B 274 5.54 18.18 2.31
C PRO B 274 6.42 18.48 1.08
N ILE B 275 7.19 19.57 1.10
CA ILE B 275 8.01 19.91 -0.06
C ILE B 275 9.06 18.82 -0.32
N ASN B 276 9.09 18.33 -1.55
CA ASN B 276 10.14 17.41 -1.95
C ASN B 276 11.41 18.20 -2.23
N PHE B 277 12.55 17.70 -1.79
CA PHE B 277 13.83 18.32 -2.14
C PHE B 277 14.90 17.25 -2.25
N PHE B 278 15.98 17.56 -2.97
CA PHE B 278 17.10 16.65 -2.91
C PHE B 278 18.31 17.33 -2.28
N ARG B 279 19.06 16.53 -1.55
CA ARG B 279 20.18 16.98 -0.76
C ARG B 279 21.47 16.50 -1.36
N LEU B 280 22.34 17.44 -1.72
CA LEU B 280 23.66 17.12 -2.24
C LEU B 280 24.70 17.18 -1.13
N THR B 281 25.43 16.09 -0.91
CA THR B 281 26.53 16.08 0.05
C THR B 281 27.84 15.98 -0.72
N THR B 282 28.76 16.87 -0.41
CA THR B 282 30.06 16.88 -1.07
C THR B 282 31.07 16.03 -0.28
N ARG B 283 32.19 15.72 -0.93
CA ARG B 283 33.29 15.04 -0.25
C ARG B 283 33.88 15.95 0.83
N GLY B 284 33.93 17.25 0.53
CA GLY B 284 34.35 18.24 1.50
C GLY B 284 33.47 18.21 2.74
N GLY B 285 32.24 17.72 2.57
CA GLY B 285 31.31 17.59 3.67
C GLY B 285 30.17 18.61 3.64
N LEU B 286 30.21 19.47 2.62
CA LEU B 286 29.20 20.52 2.50
C LEU B 286 27.91 19.90 1.99
N VAL B 287 26.79 20.47 2.46
CA VAL B 287 25.46 20.00 2.08
C VAL B 287 24.65 21.13 1.46
N TYR B 288 23.91 20.78 0.41
CA TYR B 288 23.05 21.71 -0.31
C TYR B 288 21.70 21.07 -0.48
N ASP B 289 20.63 21.75 -0.03
CA ASP B 289 19.26 21.35 -0.27
C ASP B 289 18.66 22.11 -1.46
N VAL B 290 18.06 21.37 -2.39
CA VAL B 290 17.47 21.92 -3.59
C VAL B 290 15.99 21.54 -3.61
N PRO B 291 15.11 22.52 -3.32
CA PRO B 291 13.67 22.22 -3.36
C PRO B 291 13.24 21.90 -4.76
N ILE B 292 12.35 20.92 -4.91
CA ILE B 292 11.79 20.56 -6.21
C ILE B 292 10.49 21.33 -6.43
N ILE B 293 10.34 21.94 -7.62
CA ILE B 293 9.15 22.73 -7.95
C ILE B 293 8.61 22.35 -9.32
N THR B 294 7.35 22.71 -9.57
CA THR B 294 6.79 22.66 -10.91
C THR B 294 6.62 24.07 -11.44
N HIS B 295 7.42 24.39 -12.44
CA HIS B 295 7.40 25.73 -13.03
C HIS B 295 7.72 25.66 -14.52
N GLU B 296 6.80 26.15 -15.33
CA GLU B 296 6.98 26.13 -16.77
C GLU B 296 7.49 27.48 -17.18
N GLY B 297 8.41 27.48 -18.13
CA GLY B 297 8.98 28.70 -18.65
C GLY B 297 9.91 29.41 -17.70
N ALA B 298 10.17 30.68 -17.99
CA ALA B 298 11.26 31.43 -17.40
C ALA B 298 11.16 31.54 -15.89
N ILE B 299 12.29 31.33 -15.23
CA ILE B 299 12.34 31.46 -13.79
C ILE B 299 12.43 32.94 -13.44
N PRO B 300 11.53 33.41 -12.55
CA PRO B 300 11.61 34.79 -12.06
C PRO B 300 12.99 35.09 -11.49
N GLY B 301 13.70 36.04 -12.08
CA GLY B 301 15.02 36.40 -11.60
C GLY B 301 16.11 35.60 -12.30
N GLY B 302 15.71 34.62 -13.09
CA GLY B 302 16.64 33.83 -13.87
C GLY B 302 17.50 32.87 -13.06
N GLN B 303 17.29 32.81 -11.75
CA GLN B 303 18.06 31.91 -10.90
C GLN B 303 17.15 30.95 -10.15
N TYR B 304 17.36 29.66 -10.39
CA TYR B 304 16.49 28.64 -9.82
C TYR B 304 16.49 28.66 -8.31
N LEU B 305 17.66 28.72 -7.68
CA LEU B 305 17.69 28.43 -6.26
C LEU B 305 16.97 29.48 -5.39
N PRO B 306 17.17 30.77 -5.66
CA PRO B 306 16.49 31.79 -4.86
C PRO B 306 14.96 31.69 -4.99
N PHE B 307 14.51 31.43 -6.20
CA PHE B 307 13.08 31.20 -6.46
C PHE B 307 12.57 29.98 -5.69
N ALA B 308 13.24 28.85 -5.88
CA ALA B 308 12.82 27.60 -5.27
C ALA B 308 12.85 27.66 -3.75
N LYS B 309 13.78 28.43 -3.22
CA LYS B 309 13.91 28.53 -1.78
C LYS B 309 12.99 29.61 -1.22
N GLY B 310 12.05 30.09 -2.04
CA GLY B 310 11.06 31.06 -1.59
C GLY B 310 11.56 32.42 -1.12
N LEU B 311 12.67 32.92 -1.67
CA LEU B 311 13.24 34.19 -1.25
C LEU B 311 12.72 35.36 -2.06
N LEU B 312 11.90 35.10 -3.08
CA LEU B 312 11.42 36.16 -3.95
C LEU B 312 9.94 36.43 -3.68
N ALA B 313 9.43 37.56 -4.17
CA ALA B 313 8.02 37.90 -3.95
C ALA B 313 7.12 36.85 -4.59
N ASP B 314 7.50 36.37 -5.77
CA ASP B 314 6.77 35.27 -6.40
C ASP B 314 7.22 33.97 -5.79
N LYS B 315 6.28 33.13 -5.38
CA LYS B 315 6.59 31.82 -4.81
C LYS B 315 6.27 30.71 -5.80
N PRO B 316 7.09 29.66 -5.83
CA PRO B 316 6.77 28.55 -6.73
C PRO B 316 5.65 27.63 -6.26
N SER B 317 5.17 26.84 -7.20
CA SER B 317 4.37 25.67 -6.88
C SER B 317 5.34 24.53 -6.61
N TYR B 318 5.19 23.93 -5.44
CA TYR B 318 6.04 22.81 -5.00
C TYR B 318 5.38 21.47 -5.25
N THR B 319 4.17 21.50 -5.84
CA THR B 319 3.52 20.26 -6.15
C THR B 319 4.41 19.48 -7.12
N VAL B 320 4.57 18.20 -6.84
CA VAL B 320 5.16 17.24 -7.77
C VAL B 320 4.02 16.49 -8.46
N TYR B 321 3.92 16.64 -9.78
CA TYR B 321 2.85 16.00 -10.55
C TYR B 321 3.23 14.65 -11.14
N ARG B 322 2.28 13.72 -11.15
CA ARG B 322 2.51 12.41 -11.74
C ARG B 322 2.92 12.51 -13.20
N ASN B 323 3.77 11.58 -13.60
CA ASN B 323 4.13 11.40 -14.99
C ASN B 323 4.84 12.61 -15.59
N ARG B 324 5.50 13.41 -14.78
CA ARG B 324 6.33 14.50 -15.30
C ARG B 324 7.79 14.17 -14.96
N HIS B 325 8.70 14.82 -15.67
CA HIS B 325 10.12 14.53 -15.66
C HIS B 325 10.81 15.81 -15.17
N TYR B 326 11.40 15.73 -13.98
CA TYR B 326 12.03 16.87 -13.33
C TYR B 326 13.56 16.80 -13.50
N ILE B 327 14.12 17.75 -14.24
CA ILE B 327 15.51 17.64 -14.69
C ILE B 327 16.38 18.75 -14.17
N TYR B 328 17.50 18.36 -13.56
CA TYR B 328 18.46 19.28 -12.99
C TYR B 328 19.85 19.08 -13.58
N ARG B 329 20.49 20.19 -13.93
CA ARG B 329 21.87 20.20 -14.40
C ARG B 329 22.64 21.02 -13.39
N ILE B 330 23.58 20.39 -12.70
CA ILE B 330 24.20 20.98 -11.53
C ILE B 330 25.72 21.00 -11.66
N LYS B 331 26.30 22.13 -11.31
CA LYS B 331 27.73 22.26 -11.16
C LYS B 331 28.05 22.23 -9.67
N THR B 332 28.85 21.25 -9.26
CA THR B 332 29.27 21.11 -7.87
C THR B 332 30.69 21.67 -7.71
N LEU B 333 30.78 22.96 -7.42
CA LEU B 333 32.07 23.64 -7.27
C LEU B 333 32.51 23.61 -5.80
N PRO B 334 33.77 23.95 -5.55
CA PRO B 334 34.12 24.15 -4.14
C PRO B 334 33.27 25.26 -3.51
N ASP B 335 32.69 24.94 -2.35
CA ASP B 335 31.80 25.83 -1.59
C ASP B 335 30.78 26.68 -2.37
N LYS B 336 30.22 26.12 -3.44
CA LYS B 336 28.98 26.65 -4.04
C LYS B 336 28.44 25.66 -5.05
N ILE B 337 27.15 25.77 -5.38
CA ILE B 337 26.62 25.02 -6.53
C ILE B 337 25.86 25.95 -7.45
N GLU B 338 25.72 25.51 -8.71
CA GLU B 338 24.86 26.17 -9.67
C GLU B 338 23.85 25.16 -10.16
N VAL B 339 22.59 25.56 -10.20
CA VAL B 339 21.50 24.68 -10.61
C VAL B 339 20.72 25.25 -11.80
N LYS B 340 20.58 24.44 -12.84
CA LYS B 340 19.67 24.72 -13.94
C LYS B 340 18.60 23.67 -13.96
N TYR B 341 17.38 24.09 -14.27
CA TYR B 341 16.17 23.31 -14.06
C TYR B 341 15.29 23.24 -15.31
N SER B 342 14.69 22.10 -15.54
CA SER B 342 13.61 22.05 -16.51
C SER B 342 12.64 20.94 -16.15
N ILE B 343 11.41 21.09 -16.63
CA ILE B 343 10.36 20.10 -16.46
C ILE B 343 9.80 19.75 -17.82
N CYS B 344 9.62 18.47 -18.09
CA CYS B 344 8.93 18.10 -19.31
C CYS B 344 8.03 16.88 -19.13
N ASP B 345 7.33 16.53 -20.19
CA ASP B 345 6.48 15.35 -20.17
C ASP B 345 7.34 14.11 -20.09
N TRP B 346 6.73 13.02 -19.63
CA TRP B 346 7.41 11.75 -19.50
C TRP B 346 6.67 10.64 -20.24
#